data_1HLX
#
_entry.id   1HLX
#
_cell.length_a   1.000
_cell.length_b   1.000
_cell.length_c   1.000
_cell.angle_alpha   90.00
_cell.angle_beta   90.00
_cell.angle_gamma   90.00
#
_symmetry.space_group_name_H-M   'P 1'
#
_entity_poly.entity_id   1
_entity_poly.type   'polyribonucleotide'
_entity_poly.pdbx_seq_one_letter_code
;GGGAUAACUUCGGUUGUCCC
;
_entity_poly.pdbx_strand_id   A
#